data_2OTX
#
_entry.id   2OTX
#
_cell.length_a   106.205
_cell.length_b   56.742
_cell.length_c   89.115
_cell.angle_alpha   90.00
_cell.angle_beta   95.82
_cell.angle_gamma   90.00
#
_symmetry.space_group_name_H-M   'C 1 2 1'
#
loop_
_entity.id
_entity.type
_entity.pdbx_description
1 polymer 'Src kinase-associated phosphoprotein 2'
2 water water
#
_entity_poly.entity_id   1
_entity_poly.type   'polypeptide(L)'
_entity_poly.pdbx_seq_one_letter_code
;GSPEEIRNLLADVETFVADTLKGENLSKKAKEKRESLIKKIKDVKSVYLQEFQDKGDAEDGDEYDDPFAGPADTISLASE
RYDKDDDGPSDGNQFPPIAAQDLPFVIKAGYLEKRRKDHSFLGFEWQKRWCALSKTVFYYYGSDKDKQQKGEFAIDGYDV
RMNNTLRKDGKKDCCFEICAPDKRIYQFTAASPKDAEEWVQQLKFILQDLG
;
_entity_poly.pdbx_strand_id   A,B
#
# COMPACT_ATOMS: atom_id res chain seq x y z
N GLY A 1 1.31 -5.83 3.57
CA GLY A 1 0.79 -5.96 4.99
C GLY A 1 -0.03 -7.28 5.32
N SER A 2 -1.41 -7.38 5.03
CA SER A 2 -2.29 -8.63 4.59
C SER A 2 -2.91 -8.73 3.02
N PRO A 3 -2.07 -9.32 2.21
CA PRO A 3 -1.72 -8.86 0.91
C PRO A 3 -2.69 -8.53 -0.17
N GLU A 4 -3.60 -9.39 -0.60
CA GLU A 4 -4.40 -9.06 -1.77
C GLU A 4 -5.01 -7.78 -1.73
N GLU A 5 -5.57 -7.46 -0.61
CA GLU A 5 -6.29 -6.23 -0.63
C GLU A 5 -5.54 -4.94 -0.67
N ILE A 6 -4.31 -5.04 -0.23
CA ILE A 6 -3.41 -4.04 -0.20
C ILE A 6 -2.87 -3.89 -1.54
N ARG A 7 -2.46 -5.00 -2.19
CA ARG A 7 -2.10 -4.80 -3.63
C ARG A 7 -3.20 -4.28 -4.52
N ASN A 8 -4.43 -4.61 -4.18
CA ASN A 8 -5.63 -3.98 -4.87
C ASN A 8 -5.66 -2.47 -4.71
N LEU A 9 -5.35 -2.03 -3.49
CA LEU A 9 -5.24 -0.59 -3.27
C LEU A 9 -4.08 0.11 -3.99
N LEU A 10 -2.93 -0.49 -3.92
CA LEU A 10 -1.82 0.11 -4.51
C LEU A 10 -1.96 0.14 -6.03
N ALA A 11 -2.57 -0.90 -6.61
CA ALA A 11 -2.90 -0.83 -8.00
C ALA A 11 -3.78 0.43 -8.41
N ASP A 12 -4.82 0.70 -7.65
CA ASP A 12 -5.64 1.89 -7.79
C ASP A 12 -4.85 3.20 -7.52
N VAL A 13 -4.01 3.16 -6.52
CA VAL A 13 -3.11 4.26 -6.26
C VAL A 13 -2.22 4.56 -7.45
N GLU A 14 -1.49 3.56 -7.94
CA GLU A 14 -0.73 3.71 -9.15
C GLU A 14 -1.48 4.19 -10.44
N THR A 15 -2.67 3.72 -10.71
CA THR A 15 -3.50 4.14 -11.76
C THR A 15 -3.78 5.68 -11.59
N PHE A 16 -4.25 6.09 -10.45
CA PHE A 16 -4.39 7.43 -10.08
C PHE A 16 -3.26 8.34 -10.21
N VAL A 17 -2.23 8.13 -9.46
CA VAL A 17 -1.02 8.97 -9.54
C VAL A 17 -0.39 8.91 -10.82
N ALA A 18 -0.19 7.70 -11.40
CA ALA A 18 0.45 7.71 -12.74
C ALA A 18 -0.51 8.19 -13.96
N ASP A 19 -1.79 7.71 -14.02
CA ASP A 19 -2.56 8.03 -15.19
C ASP A 19 -3.58 9.11 -15.02
N THR A 20 -4.45 8.92 -14.02
CA THR A 20 -5.42 9.89 -13.80
C THR A 20 -4.83 11.33 -13.71
N LEU A 21 -3.72 11.52 -13.03
CA LEU A 21 -3.15 12.84 -12.81
C LEU A 21 -2.34 13.28 -13.99
N LYS A 22 -2.13 12.38 -14.91
CA LYS A 22 -1.37 12.75 -16.12
C LYS A 22 -2.24 13.72 -16.97
N GLY A 23 -1.61 14.77 -17.48
CA GLY A 23 -2.34 15.87 -18.13
C GLY A 23 -2.96 16.89 -17.16
N GLU A 24 -3.10 16.56 -15.89
CA GLU A 24 -3.78 17.47 -15.07
C GLU A 24 -2.97 18.75 -14.80
N ASN A 25 -3.61 19.78 -14.38
CA ASN A 25 -2.88 21.02 -14.35
C ASN A 25 -2.35 21.22 -12.96
N LEU A 26 -1.16 20.77 -12.69
CA LEU A 26 -0.73 20.68 -11.27
C LEU A 26 0.35 21.72 -10.96
N SER A 27 0.45 22.12 -9.68
CA SER A 27 1.55 22.98 -9.17
C SER A 27 2.82 22.30 -9.50
N LYS A 28 3.94 23.02 -9.30
CA LYS A 28 5.26 22.48 -9.57
C LYS A 28 5.66 21.46 -8.41
N LYS A 29 5.14 21.73 -7.22
CA LYS A 29 5.44 21.06 -6.05
C LYS A 29 4.69 19.68 -6.26
N ALA A 30 3.39 19.72 -6.48
CA ALA A 30 2.61 18.54 -6.80
C ALA A 30 3.23 17.69 -7.99
N LYS A 31 3.88 18.30 -8.99
CA LYS A 31 4.41 17.50 -10.11
C LYS A 31 5.57 16.68 -9.63
N GLU A 32 6.34 17.25 -8.75
CA GLU A 32 7.60 16.81 -8.33
C GLU A 32 7.32 15.66 -7.34
N LYS A 33 6.30 15.86 -6.58
CA LYS A 33 5.81 14.85 -5.73
C LYS A 33 5.12 13.61 -6.39
N ARG A 34 4.45 13.85 -7.46
CA ARG A 34 3.93 12.82 -8.19
C ARG A 34 5.04 11.93 -8.75
N GLU A 35 6.21 12.48 -9.02
CA GLU A 35 7.21 11.74 -9.76
C GLU A 35 7.83 10.90 -8.72
N SER A 36 8.11 11.49 -7.60
CA SER A 36 8.45 10.76 -6.45
C SER A 36 7.59 9.54 -6.08
N LEU A 37 6.30 9.76 -5.93
CA LEU A 37 5.51 8.73 -5.50
C LEU A 37 5.59 7.60 -6.53
N ILE A 38 5.64 7.91 -7.79
CA ILE A 38 5.67 6.84 -8.80
C ILE A 38 6.84 5.95 -8.61
N LYS A 39 8.03 6.56 -8.33
CA LYS A 39 9.28 5.79 -8.12
C LYS A 39 9.12 4.92 -6.88
N LYS A 40 8.62 5.49 -5.78
CA LYS A 40 8.39 4.72 -4.61
C LYS A 40 7.40 3.55 -4.78
N ILE A 41 6.38 3.75 -5.54
CA ILE A 41 5.49 2.73 -5.90
C ILE A 41 6.14 1.58 -6.64
N LYS A 42 6.99 2.02 -7.55
CA LYS A 42 7.77 1.04 -8.27
C LYS A 42 8.65 0.12 -7.42
N ASP A 43 9.31 0.71 -6.45
CA ASP A 43 10.32 0.02 -5.71
C ASP A 43 9.63 -0.81 -4.75
N VAL A 44 8.43 -0.52 -4.31
CA VAL A 44 7.90 -1.27 -3.23
C VAL A 44 7.49 -2.69 -3.71
N LYS A 45 7.39 -2.91 -5.03
CA LYS A 45 6.87 -4.11 -5.67
C LYS A 45 7.70 -5.31 -5.39
N SER A 46 8.97 -5.04 -5.12
CA SER A 46 9.90 -6.10 -4.87
C SER A 46 9.73 -6.74 -3.60
N VAL A 47 8.88 -6.13 -2.84
CA VAL A 47 8.67 -6.57 -1.48
C VAL A 47 7.81 -7.81 -1.45
N TYR A 48 6.99 -8.05 -2.44
CA TYR A 48 6.10 -9.09 -2.40
C TYR A 48 6.78 -10.34 -3.11
N LEU A 49 8.05 -10.27 -3.45
CA LEU A 49 8.79 -11.39 -3.93
C LEU A 49 8.77 -12.65 -3.17
N GLN A 50 9.11 -12.59 -1.89
CA GLN A 50 9.12 -13.74 -0.94
C GLN A 50 7.82 -14.46 -0.92
N GLU A 51 6.75 -13.76 -1.25
CA GLU A 51 5.49 -14.42 -1.33
C GLU A 51 5.43 -15.39 -2.40
N PHE A 52 6.16 -15.14 -3.47
CA PHE A 52 6.05 -16.04 -4.62
C PHE A 52 7.16 -17.06 -4.66
N GLN A 53 8.09 -17.05 -3.68
CA GLN A 53 9.30 -17.92 -3.48
C GLN A 53 9.12 -19.16 -2.54
N PHE A 95 -14.83 -26.62 -3.00
CA PHE A 95 -15.21 -27.06 -4.38
C PHE A 95 -14.34 -28.12 -4.93
N PRO A 96 -14.94 -29.27 -5.20
CA PRO A 96 -14.18 -30.44 -5.73
C PRO A 96 -13.67 -30.40 -7.21
N PRO A 97 -12.57 -31.04 -7.58
CA PRO A 97 -12.20 -31.05 -8.99
C PRO A 97 -13.26 -31.67 -9.87
N ILE A 98 -13.36 -31.22 -11.08
CA ILE A 98 -14.35 -31.61 -12.04
C ILE A 98 -13.85 -31.27 -13.49
N ALA A 99 -14.06 -32.12 -14.42
CA ALA A 99 -13.54 -31.87 -15.73
C ALA A 99 -14.30 -30.79 -16.43
N ALA A 100 -13.68 -30.08 -17.35
CA ALA A 100 -14.40 -29.10 -18.15
C ALA A 100 -15.68 -29.61 -18.74
N GLN A 101 -15.62 -30.74 -19.36
CA GLN A 101 -16.72 -31.36 -20.19
C GLN A 101 -17.76 -32.06 -19.36
N ASP A 102 -17.63 -32.13 -18.05
CA ASP A 102 -18.61 -32.65 -17.18
C ASP A 102 -19.31 -31.63 -16.40
N LEU A 103 -19.02 -30.33 -16.57
CA LEU A 103 -19.72 -29.26 -15.83
C LEU A 103 -21.16 -29.30 -16.14
N PRO A 104 -21.97 -29.40 -15.13
CA PRO A 104 -23.43 -29.33 -15.35
C PRO A 104 -23.98 -27.82 -15.60
N PHE A 105 -25.13 -27.72 -16.17
CA PHE A 105 -25.91 -26.49 -16.32
C PHE A 105 -24.96 -25.28 -16.68
N VAL A 106 -24.24 -25.44 -17.79
CA VAL A 106 -23.30 -24.44 -18.22
C VAL A 106 -24.04 -23.31 -18.88
N ILE A 107 -24.30 -22.24 -18.16
CA ILE A 107 -24.98 -21.09 -18.66
C ILE A 107 -24.18 -20.25 -19.69
N LYS A 108 -22.85 -20.18 -19.57
CA LYS A 108 -22.05 -19.58 -20.49
C LYS A 108 -20.69 -20.05 -20.36
N ALA A 109 -20.04 -20.18 -21.53
CA ALA A 109 -18.61 -20.65 -21.45
C ALA A 109 -17.89 -19.93 -22.59
N GLY A 110 -16.56 -19.84 -22.54
CA GLY A 110 -15.81 -19.27 -23.58
C GLY A 110 -14.37 -19.01 -23.15
N TYR A 111 -13.46 -18.74 -24.13
CA TYR A 111 -12.10 -18.29 -23.83
C TYR A 111 -12.03 -16.80 -23.48
N LEU A 112 -11.35 -16.51 -22.41
CA LEU A 112 -11.13 -15.14 -22.02
C LEU A 112 -9.70 -14.98 -21.60
N GLU A 113 -9.18 -13.76 -21.63
CA GLU A 113 -7.88 -13.60 -20.83
C GLU A 113 -8.18 -13.21 -19.38
N LYS A 114 -7.43 -13.61 -18.39
CA LYS A 114 -7.87 -13.49 -17.03
C LYS A 114 -6.64 -12.99 -16.31
N ARG A 115 -6.86 -12.24 -15.22
CA ARG A 115 -5.78 -11.76 -14.43
C ARG A 115 -6.42 -11.21 -13.16
N ARG A 116 -5.89 -11.62 -12.02
CA ARG A 116 -6.21 -11.02 -10.78
C ARG A 116 -5.53 -9.56 -10.62
N LYS A 117 -6.32 -8.64 -10.00
CA LYS A 117 -5.90 -7.30 -9.77
C LYS A 117 -4.71 -7.23 -9.01
N ASP A 118 -4.56 -8.09 -8.04
CA ASP A 118 -3.42 -7.98 -7.16
C ASP A 118 -2.18 -8.60 -7.82
N HIS A 119 -2.34 -9.33 -8.89
CA HIS A 119 -1.19 -9.76 -9.74
C HIS A 119 -0.74 -8.74 -10.77
N SER A 120 -1.69 -8.05 -11.26
CA SER A 120 -1.57 -6.97 -12.15
C SER A 120 -0.64 -5.77 -11.65
N PHE A 121 -0.85 -5.35 -10.45
CA PHE A 121 0.02 -4.48 -9.83
C PHE A 121 1.44 -4.87 -9.89
N LEU A 122 1.68 -6.19 -9.86
CA LEU A 122 3.09 -6.75 -9.85
C LEU A 122 3.58 -6.99 -11.26
N GLY A 123 2.77 -6.70 -12.26
CA GLY A 123 3.12 -6.86 -13.62
C GLY A 123 2.89 -8.21 -14.33
N PHE A 124 2.11 -9.12 -13.73
CA PHE A 124 1.87 -10.45 -14.26
C PHE A 124 1.05 -10.40 -15.51
N GLU A 125 1.42 -11.27 -16.47
CA GLU A 125 0.78 -11.34 -17.70
C GLU A 125 -0.71 -11.93 -17.57
N TRP A 126 -1.61 -11.46 -18.41
CA TRP A 126 -2.82 -12.14 -18.64
C TRP A 126 -2.57 -13.63 -19.02
N GLN A 127 -3.45 -14.53 -18.64
CA GLN A 127 -3.48 -15.95 -18.88
C GLN A 127 -4.76 -16.26 -19.66
N LYS A 128 -4.57 -16.98 -20.73
CA LYS A 128 -5.67 -17.50 -21.55
C LYS A 128 -6.39 -18.56 -20.62
N ARG A 129 -7.72 -18.42 -20.47
CA ARG A 129 -8.41 -19.42 -19.70
C ARG A 129 -9.75 -19.73 -20.41
N TRP A 130 -10.18 -20.98 -20.28
CA TRP A 130 -11.57 -21.35 -20.69
C TRP A 130 -12.35 -21.13 -19.46
N CYS A 131 -13.29 -20.24 -19.55
CA CYS A 131 -14.13 -19.86 -18.42
C CYS A 131 -15.55 -20.41 -18.61
N ALA A 132 -16.11 -20.89 -17.48
CA ALA A 132 -17.45 -21.42 -17.48
C ALA A 132 -18.20 -21.04 -16.34
N LEU A 133 -19.42 -20.63 -16.58
CA LEU A 133 -20.36 -20.34 -15.53
C LEU A 133 -21.35 -21.47 -15.38
N SER A 134 -21.11 -22.31 -14.37
CA SER A 134 -21.84 -23.57 -14.17
C SER A 134 -22.75 -23.34 -12.98
N LYS A 135 -24.07 -23.27 -13.28
CA LYS A 135 -24.93 -22.73 -12.23
C LYS A 135 -24.46 -21.35 -11.75
N THR A 136 -24.24 -21.18 -10.48
CA THR A 136 -23.82 -19.94 -9.78
C THR A 136 -22.26 -19.98 -9.59
N VAL A 137 -21.55 -20.81 -10.32
CA VAL A 137 -20.13 -20.87 -9.97
C VAL A 137 -19.34 -20.72 -11.19
N PHE A 138 -18.35 -19.83 -11.05
CA PHE A 138 -17.56 -19.47 -12.13
C PHE A 138 -16.26 -20.30 -12.16
N TYR A 139 -15.99 -21.01 -13.23
CA TYR A 139 -14.83 -21.87 -13.28
C TYR A 139 -13.84 -21.46 -14.32
N TYR A 140 -12.55 -21.74 -14.06
CA TYR A 140 -11.60 -21.46 -15.08
C TYR A 140 -10.63 -22.59 -15.25
N TYR A 141 -10.34 -22.92 -16.49
CA TYR A 141 -9.47 -23.97 -16.87
C TYR A 141 -8.39 -23.50 -17.94
N GLY A 142 -7.28 -24.29 -18.03
CA GLY A 142 -6.37 -24.24 -19.12
C GLY A 142 -6.98 -24.34 -20.47
N SER A 143 -7.86 -25.30 -20.74
CA SER A 143 -8.59 -25.28 -22.06
C SER A 143 -9.92 -25.99 -21.75
N ASP A 144 -10.78 -26.06 -22.75
CA ASP A 144 -12.02 -26.76 -22.60
C ASP A 144 -11.97 -28.33 -22.48
N LYS A 145 -10.76 -28.87 -22.53
CA LYS A 145 -10.68 -30.34 -22.49
C LYS A 145 -10.05 -30.80 -21.25
N ASP A 146 -9.71 -29.90 -20.31
CA ASP A 146 -8.93 -30.25 -19.14
C ASP A 146 -9.81 -31.04 -18.27
N LYS A 147 -9.22 -31.79 -17.35
CA LYS A 147 -9.98 -32.74 -16.50
C LYS A 147 -10.16 -32.06 -15.13
N GLN A 148 -9.59 -30.95 -14.94
CA GLN A 148 -9.67 -30.37 -13.61
C GLN A 148 -9.41 -28.83 -13.79
N GLN A 149 -10.04 -28.03 -12.93
CA GLN A 149 -10.00 -26.55 -12.99
C GLN A 149 -8.74 -25.96 -12.38
N LYS A 150 -8.34 -24.79 -12.83
CA LYS A 150 -7.24 -24.10 -12.20
C LYS A 150 -7.77 -23.40 -10.92
N GLY A 151 -9.08 -23.20 -10.74
CA GLY A 151 -9.60 -22.30 -9.69
C GLY A 151 -11.03 -22.16 -10.12
N GLU A 152 -11.83 -21.73 -9.14
CA GLU A 152 -13.21 -21.30 -9.33
C GLU A 152 -13.69 -20.39 -8.20
N PHE A 153 -14.80 -19.78 -8.32
CA PHE A 153 -15.43 -18.99 -7.23
C PHE A 153 -16.95 -18.86 -7.51
N ALA A 154 -17.71 -18.91 -6.44
CA ALA A 154 -19.12 -18.65 -6.40
C ALA A 154 -19.34 -17.17 -6.49
N ILE A 155 -20.21 -16.76 -7.39
CA ILE A 155 -20.43 -15.36 -7.69
C ILE A 155 -21.38 -14.66 -6.82
N ASP A 156 -22.12 -15.33 -5.97
CA ASP A 156 -22.92 -14.63 -4.99
C ASP A 156 -22.21 -13.49 -4.38
N GLY A 157 -22.79 -12.31 -4.49
CA GLY A 157 -22.19 -11.19 -3.76
C GLY A 157 -21.17 -10.39 -4.52
N TYR A 158 -20.85 -10.81 -5.74
CA TYR A 158 -19.83 -10.19 -6.51
C TYR A 158 -20.56 -9.03 -7.28
N ASP A 159 -19.75 -8.10 -7.73
CA ASP A 159 -20.19 -7.21 -8.70
C ASP A 159 -19.46 -7.41 -9.98
N VAL A 160 -20.03 -6.99 -11.07
CA VAL A 160 -19.35 -7.03 -12.35
C VAL A 160 -19.54 -5.74 -13.12
N ARG A 161 -18.54 -5.34 -13.86
CA ARG A 161 -18.62 -4.16 -14.81
C ARG A 161 -17.68 -4.08 -15.92
N MET A 162 -18.03 -3.38 -16.95
CA MET A 162 -17.07 -3.02 -17.96
C MET A 162 -16.07 -2.15 -17.35
N ASN A 163 -14.80 -2.21 -17.74
CA ASN A 163 -13.84 -1.30 -17.22
C ASN A 163 -12.76 -1.17 -18.23
N ASN A 164 -12.82 -0.02 -18.94
CA ASN A 164 -11.89 0.21 -20.12
C ASN A 164 -10.49 0.67 -19.71
N THR A 165 -10.22 0.92 -18.49
CA THR A 165 -8.91 1.30 -18.04
C THR A 165 -8.00 0.17 -17.67
N LEU A 166 -8.15 -1.09 -18.11
CA LEU A 166 -7.36 -2.13 -17.41
C LEU A 166 -6.24 -2.47 -18.33
N ARG A 167 -6.27 -1.89 -19.51
CA ARG A 167 -5.27 -2.16 -20.46
C ARG A 167 -4.95 -0.91 -21.26
N LYS A 168 -3.67 -0.78 -21.71
CA LYS A 168 -3.24 0.39 -22.51
C LYS A 168 -3.37 0.23 -24.03
N ASP A 169 -3.44 -1.00 -24.56
CA ASP A 169 -3.58 -1.23 -26.02
C ASP A 169 -4.98 -1.08 -26.73
N GLY A 170 -5.07 -1.59 -27.98
CA GLY A 170 -6.31 -1.49 -28.73
C GLY A 170 -7.41 -2.51 -28.32
N LYS A 171 -7.09 -3.44 -27.41
CA LYS A 171 -8.02 -4.39 -26.89
C LYS A 171 -8.69 -3.94 -25.57
N LYS A 172 -8.59 -2.65 -25.23
CA LYS A 172 -9.02 -2.21 -23.91
C LYS A 172 -10.57 -2.17 -23.69
N ASP A 173 -11.28 -2.05 -24.83
CA ASP A 173 -12.75 -2.10 -24.96
C ASP A 173 -13.37 -3.48 -24.67
N CYS A 174 -12.52 -4.50 -24.62
CA CYS A 174 -12.87 -5.82 -24.27
C CYS A 174 -12.78 -6.24 -22.88
N CYS A 175 -12.82 -5.30 -21.91
CA CYS A 175 -12.48 -5.61 -20.60
C CYS A 175 -13.58 -5.36 -19.57
N PHE A 176 -13.68 -6.29 -18.59
CA PHE A 176 -14.57 -6.30 -17.46
C PHE A 176 -13.90 -7.00 -16.28
N GLU A 177 -14.43 -6.68 -15.15
CA GLU A 177 -13.98 -7.17 -13.95
C GLU A 177 -15.18 -7.69 -13.00
N ILE A 178 -14.80 -8.68 -12.24
CA ILE A 178 -15.63 -9.40 -11.31
C ILE A 178 -15.00 -9.21 -9.97
N CYS A 179 -15.64 -8.35 -9.23
CA CYS A 179 -15.33 -7.99 -7.85
C CYS A 179 -15.88 -9.03 -6.72
N ALA A 180 -15.03 -9.85 -6.06
CA ALA A 180 -15.30 -10.42 -4.67
C ALA A 180 -15.70 -9.44 -3.45
N PRO A 181 -16.47 -9.94 -2.43
CA PRO A 181 -16.72 -9.19 -1.08
C PRO A 181 -15.48 -9.02 -0.10
N ASP A 182 -14.79 -10.14 0.12
CA ASP A 182 -13.39 -10.33 0.61
C ASP A 182 -12.27 -9.51 -0.15
N LYS A 183 -12.70 -8.38 -0.73
CA LYS A 183 -11.87 -7.67 -1.72
C LYS A 183 -10.85 -8.50 -2.81
N ARG A 184 -11.33 -9.55 -3.51
CA ARG A 184 -10.52 -10.22 -4.54
C ARG A 184 -10.96 -9.83 -5.91
N ILE A 185 -10.16 -9.38 -6.83
CA ILE A 185 -10.77 -8.89 -8.07
C ILE A 185 -10.19 -9.59 -9.26
N TYR A 186 -11.08 -10.11 -10.12
CA TYR A 186 -10.70 -10.82 -11.33
C TYR A 186 -10.94 -9.92 -12.50
N GLN A 187 -9.90 -9.74 -13.32
CA GLN A 187 -9.95 -8.97 -14.58
C GLN A 187 -9.91 -9.88 -15.76
N PHE A 188 -10.81 -9.61 -16.65
CA PHE A 188 -10.81 -10.21 -17.98
C PHE A 188 -10.71 -9.32 -19.24
N THR A 189 -10.05 -9.91 -20.27
CA THR A 189 -10.23 -9.42 -21.66
C THR A 189 -10.91 -10.45 -22.57
N ALA A 190 -11.94 -10.00 -23.21
CA ALA A 190 -12.76 -10.83 -23.92
C ALA A 190 -12.28 -10.68 -25.36
N ALA A 191 -12.80 -11.42 -26.30
CA ALA A 191 -12.26 -11.50 -27.65
C ALA A 191 -12.88 -10.30 -28.54
N SER A 192 -13.87 -9.57 -28.04
CA SER A 192 -14.36 -8.46 -28.75
C SER A 192 -15.20 -7.58 -27.82
N PRO A 193 -15.45 -6.36 -28.17
CA PRO A 193 -16.30 -5.59 -27.27
C PRO A 193 -17.63 -6.21 -27.00
N LYS A 194 -18.06 -7.02 -27.87
CA LYS A 194 -19.42 -7.57 -27.74
C LYS A 194 -19.37 -8.76 -26.82
N ASP A 195 -18.29 -9.53 -26.96
CA ASP A 195 -18.02 -10.66 -26.16
C ASP A 195 -17.96 -10.28 -24.72
N ALA A 196 -17.37 -9.14 -24.45
CA ALA A 196 -17.35 -8.68 -23.12
C ALA A 196 -18.70 -8.24 -22.65
N GLU A 197 -19.39 -7.42 -23.40
CA GLU A 197 -20.69 -6.98 -22.97
C GLU A 197 -21.64 -8.18 -22.65
N GLU A 198 -21.58 -9.19 -23.39
CA GLU A 198 -22.47 -10.38 -23.29
C GLU A 198 -22.15 -11.11 -21.86
N TRP A 199 -20.82 -11.27 -21.57
CA TRP A 199 -20.42 -11.72 -20.34
C TRP A 199 -20.95 -10.86 -19.19
N VAL A 200 -20.85 -9.57 -19.28
CA VAL A 200 -21.23 -8.66 -18.17
C VAL A 200 -22.72 -8.77 -18.10
N GLN A 201 -23.51 -8.81 -19.21
CA GLN A 201 -24.97 -8.90 -19.15
C GLN A 201 -25.37 -10.27 -18.43
N GLN A 202 -24.80 -11.37 -18.84
CA GLN A 202 -25.16 -12.67 -18.42
C GLN A 202 -24.85 -12.69 -16.98
N LEU A 203 -23.67 -12.23 -16.56
CA LEU A 203 -23.30 -12.29 -15.20
C LEU A 203 -24.12 -11.39 -14.41
N LYS A 204 -24.49 -10.24 -14.92
CA LYS A 204 -25.30 -9.26 -14.16
C LYS A 204 -26.71 -9.78 -13.96
N PHE A 205 -27.26 -10.47 -14.94
CA PHE A 205 -28.54 -11.14 -14.86
C PHE A 205 -28.62 -12.16 -13.72
N ILE A 206 -27.67 -13.07 -13.67
CA ILE A 206 -27.52 -14.04 -12.60
C ILE A 206 -27.30 -13.34 -11.24
N LEU A 207 -26.57 -12.23 -11.20
CA LEU A 207 -26.23 -11.65 -9.87
C LEU A 207 -27.44 -10.94 -9.27
N GLN A 208 -28.39 -10.61 -10.08
CA GLN A 208 -29.43 -9.80 -9.51
C GLN A 208 -30.77 -10.19 -9.95
N ASP A 209 -30.93 -11.12 -10.81
CA ASP A 209 -32.24 -11.56 -10.90
C ASP A 209 -32.44 -12.92 -10.36
N LEU A 210 -31.92 -13.18 -9.18
CA LEU A 210 -32.09 -14.49 -8.54
C LEU A 210 -32.23 -14.19 -6.96
N GLY A 211 -32.48 -12.88 -6.69
CA GLY A 211 -32.00 -12.22 -5.52
C GLY A 211 -30.89 -12.87 -4.71
N PRO B 3 5.76 -4.78 5.36
CA PRO B 3 4.83 -4.65 6.69
C PRO B 3 4.87 -3.14 7.12
N GLU B 4 5.96 -2.74 7.71
CA GLU B 4 6.37 -1.34 7.88
C GLU B 4 6.64 -0.51 6.60
N GLU B 5 7.27 -1.15 5.67
CA GLU B 5 7.71 -0.62 4.44
C GLU B 5 6.48 -0.30 3.60
N ILE B 6 5.45 -1.17 3.65
CA ILE B 6 4.20 -0.88 3.02
C ILE B 6 3.44 0.26 3.72
N ARG B 7 3.31 0.26 5.06
CA ARG B 7 2.67 1.41 5.70
C ARG B 7 3.42 2.66 5.58
N ASN B 8 4.70 2.60 5.42
CA ASN B 8 5.45 3.84 5.12
C ASN B 8 5.09 4.45 3.72
N LEU B 9 4.93 3.58 2.75
CA LEU B 9 4.49 4.00 1.44
C LEU B 9 3.15 4.51 1.55
N LEU B 10 2.25 3.80 2.18
CA LEU B 10 0.86 4.29 2.29
C LEU B 10 0.75 5.64 3.05
N ALA B 11 1.66 5.93 3.99
CA ALA B 11 1.66 7.21 4.58
C ALA B 11 2.00 8.27 3.57
N ASP B 12 3.05 8.08 2.81
CA ASP B 12 3.33 9.05 1.78
C ASP B 12 2.18 9.22 0.73
N VAL B 13 1.51 8.08 0.41
CA VAL B 13 0.39 8.08 -0.46
C VAL B 13 -0.77 9.01 0.08
N GLU B 14 -1.22 8.76 1.29
CA GLU B 14 -2.30 9.42 1.93
C GLU B 14 -1.97 10.97 2.02
N THR B 15 -0.72 11.31 2.24
CA THR B 15 -0.29 12.68 2.35
C THR B 15 -0.39 13.38 0.96
N PHE B 16 -0.01 12.71 -0.10
CA PHE B 16 -0.06 13.23 -1.41
C PHE B 16 -1.51 13.40 -1.81
N VAL B 17 -2.29 12.34 -1.83
CA VAL B 17 -3.62 12.36 -2.30
C VAL B 17 -4.43 13.31 -1.44
N ALA B 18 -4.33 13.21 -0.13
CA ALA B 18 -5.24 14.06 0.71
C ALA B 18 -4.68 15.52 0.90
N ASP B 19 -3.38 15.75 0.99
CA ASP B 19 -2.82 17.14 1.25
C ASP B 19 -2.14 17.80 0.11
N THR B 20 -1.17 17.18 -0.48
CA THR B 20 -0.58 17.78 -1.63
C THR B 20 -1.60 18.13 -2.71
N LEU B 21 -2.57 17.30 -2.94
CA LEU B 21 -3.41 17.53 -4.01
C LEU B 21 -4.53 18.50 -3.62
N LYS B 22 -4.65 18.80 -2.36
CA LYS B 22 -5.72 19.77 -1.89
C LYS B 22 -5.58 21.14 -2.51
N GLY B 23 -6.78 21.56 -2.95
CA GLY B 23 -6.98 22.70 -3.84
C GLY B 23 -5.98 22.85 -4.98
N GLU B 24 -6.04 21.84 -5.84
CA GLU B 24 -5.21 21.84 -7.02
C GLU B 24 -6.28 21.89 -8.06
N ASN B 25 -5.83 22.30 -9.22
CA ASN B 25 -6.71 22.50 -10.29
C ASN B 25 -7.21 21.29 -11.08
N LEU B 26 -8.01 20.43 -10.43
CA LEU B 26 -8.19 19.06 -10.87
C LEU B 26 -9.47 18.98 -11.68
N SER B 27 -9.55 18.11 -12.68
CA SER B 27 -10.74 18.00 -13.41
C SER B 27 -11.77 17.26 -12.60
N LYS B 28 -12.97 17.13 -13.11
CA LYS B 28 -14.06 16.54 -12.37
C LYS B 28 -13.67 15.12 -11.98
N LYS B 29 -13.30 14.29 -12.97
CA LYS B 29 -12.84 12.89 -12.84
C LYS B 29 -11.55 12.76 -11.87
N ALA B 30 -10.65 13.71 -11.97
CA ALA B 30 -9.57 13.64 -11.07
C ALA B 30 -10.06 13.91 -9.65
N LYS B 31 -11.05 14.77 -9.48
CA LYS B 31 -11.51 15.09 -8.14
C LYS B 31 -12.20 13.98 -7.55
N GLU B 32 -12.89 13.22 -8.36
CA GLU B 32 -13.91 12.29 -7.90
C GLU B 32 -13.18 11.12 -7.49
N LYS B 33 -12.13 10.82 -8.31
CA LYS B 33 -11.25 9.69 -8.09
C LYS B 33 -10.35 9.96 -6.84
N ARG B 34 -9.98 11.21 -6.71
CA ARG B 34 -9.26 11.55 -5.51
C ARG B 34 -10.04 11.20 -4.25
N GLU B 35 -11.30 11.57 -4.24
CA GLU B 35 -12.10 11.46 -3.07
C GLU B 35 -12.36 10.03 -2.75
N SER B 36 -12.54 9.29 -3.83
CA SER B 36 -12.84 7.87 -3.83
C SER B 36 -11.56 7.04 -3.29
N LEU B 37 -10.35 7.43 -3.65
CA LEU B 37 -9.12 6.95 -3.11
C LEU B 37 -8.94 7.30 -1.69
N ILE B 38 -9.24 8.49 -1.24
CA ILE B 38 -9.20 8.84 0.19
C ILE B 38 -9.98 7.87 1.02
N LYS B 39 -11.20 7.56 0.68
CA LYS B 39 -12.08 6.68 1.43
C LYS B 39 -11.47 5.31 1.34
N LYS B 40 -10.88 4.91 0.19
CA LYS B 40 -10.18 3.64 0.12
C LYS B 40 -8.93 3.51 1.03
N ILE B 41 -8.15 4.59 1.16
CA ILE B 41 -7.04 4.57 2.03
C ILE B 41 -7.42 4.45 3.46
N LYS B 42 -8.49 5.07 3.91
CA LYS B 42 -8.99 4.94 5.32
C LYS B 42 -9.52 3.57 5.62
N ASP B 43 -10.25 3.02 4.65
CA ASP B 43 -10.81 1.72 4.70
C ASP B 43 -9.79 0.61 4.94
N VAL B 44 -8.57 0.62 4.30
CA VAL B 44 -7.67 -0.40 4.48
C VAL B 44 -7.05 -0.46 5.88
N LYS B 45 -6.95 0.70 6.54
CA LYS B 45 -6.40 0.80 7.83
C LYS B 45 -6.96 -0.39 8.69
N SER B 46 -8.20 -0.80 8.57
CA SER B 46 -8.67 -1.82 9.47
C SER B 46 -7.98 -3.17 9.31
N VAL B 47 -7.35 -3.42 8.28
CA VAL B 47 -6.68 -4.66 8.10
C VAL B 47 -5.43 -4.78 9.00
N TYR B 48 -4.86 -3.69 9.49
CA TYR B 48 -3.71 -3.92 10.30
C TYR B 48 -4.12 -3.98 11.82
N LEU B 49 -5.39 -3.89 12.14
CA LEU B 49 -5.89 -4.10 13.49
C LEU B 49 -5.41 -5.32 14.21
N GLN B 50 -5.51 -6.49 13.62
CA GLN B 50 -4.99 -7.73 14.17
C GLN B 50 -3.56 -7.59 14.73
N GLU B 51 -2.70 -6.87 14.05
CA GLU B 51 -1.33 -6.65 14.53
C GLU B 51 -1.23 -6.02 16.01
N PHE B 52 -2.26 -5.23 16.37
CA PHE B 52 -2.32 -4.54 17.71
C PHE B 52 -3.21 -5.26 18.70
N GLN B 53 -3.87 -6.38 18.36
CA GLN B 53 -4.79 -7.17 19.20
C GLN B 53 -4.13 -8.47 19.78
N PHE B 95 18.58 -6.57 24.47
CA PHE B 95 19.02 -5.45 25.28
C PHE B 95 18.38 -5.52 26.69
N PRO B 96 19.21 -5.72 27.68
CA PRO B 96 18.69 -5.78 29.07
C PRO B 96 17.91 -4.50 29.45
N PRO B 97 16.96 -4.54 30.35
CA PRO B 97 16.43 -3.30 30.98
C PRO B 97 17.55 -2.53 31.62
N ILE B 98 17.58 -1.20 31.58
CA ILE B 98 18.53 -0.33 32.24
C ILE B 98 17.83 0.97 32.58
N ALA B 99 18.11 1.54 33.72
CA ALA B 99 17.48 2.80 34.03
C ALA B 99 18.12 3.89 33.27
N ALA B 100 17.35 4.97 33.06
CA ALA B 100 17.79 6.17 32.31
C ALA B 100 19.13 6.71 32.78
N GLN B 101 19.35 6.52 34.06
CA GLN B 101 20.43 7.17 34.80
C GLN B 101 21.54 6.24 34.95
N ASP B 102 21.38 4.97 34.71
CA ASP B 102 22.54 4.13 34.76
C ASP B 102 23.06 4.00 33.38
N LEU B 103 22.70 4.85 32.45
CA LEU B 103 23.16 4.52 31.07
C LEU B 103 24.61 5.00 30.89
N PRO B 104 25.46 4.12 30.39
CA PRO B 104 26.87 4.36 30.18
C PRO B 104 27.16 5.05 28.85
N PHE B 105 27.95 6.11 28.92
CA PHE B 105 28.57 6.81 27.74
C PHE B 105 27.49 7.50 26.93
N VAL B 106 26.81 8.36 27.58
CA VAL B 106 25.74 9.17 26.93
C VAL B 106 26.30 10.29 26.13
N ILE B 107 26.36 10.14 24.82
CA ILE B 107 26.92 11.14 23.97
C ILE B 107 26.03 12.43 23.85
N LYS B 108 24.71 12.25 23.80
CA LYS B 108 23.67 13.22 23.70
C LYS B 108 22.34 12.68 24.23
N ALA B 109 21.55 13.61 24.76
CA ALA B 109 20.35 13.24 25.38
C ALA B 109 19.52 14.41 25.54
N GLY B 110 18.20 14.17 25.66
CA GLY B 110 17.16 15.19 25.48
C GLY B 110 15.74 14.65 25.34
N TYR B 111 14.83 15.49 25.65
CA TYR B 111 13.44 15.39 25.26
C TYR B 111 13.18 15.57 23.76
N LEU B 112 12.44 14.59 23.19
CA LEU B 112 11.99 14.72 21.78
C LEU B 112 10.56 14.14 21.71
N GLU B 113 9.86 14.56 20.71
CA GLU B 113 8.67 13.86 20.36
C GLU B 113 8.95 12.74 19.39
N LYS B 114 8.50 11.53 19.66
CA LYS B 114 8.86 10.40 18.75
C LYS B 114 7.64 9.95 18.09
N ARG B 115 7.72 9.55 16.85
CA ARG B 115 6.68 8.69 16.28
C ARG B 115 7.29 7.72 15.28
N ARG B 116 6.71 6.54 15.08
CA ARG B 116 7.12 5.67 13.96
C ARG B 116 6.26 5.98 12.73
N LYS B 117 6.91 6.05 11.54
CA LYS B 117 6.18 6.45 10.29
C LYS B 117 5.05 5.47 9.98
N ASP B 118 5.33 4.19 10.09
CA ASP B 118 4.37 3.16 9.86
C ASP B 118 3.27 3.11 10.84
N HIS B 119 3.50 3.67 12.00
CA HIS B 119 2.45 3.88 12.95
C HIS B 119 1.66 5.11 12.67
N SER B 120 2.29 6.21 12.23
CA SER B 120 1.56 7.43 11.84
C SER B 120 0.48 7.25 10.79
N PHE B 121 0.76 6.40 9.84
CA PHE B 121 -0.30 6.00 8.92
C PHE B 121 -1.65 5.51 9.58
N LEU B 122 -1.60 4.84 10.74
CA LEU B 122 -2.72 4.28 11.31
C LEU B 122 -3.31 5.25 12.22
N GLY B 123 -2.70 6.39 12.38
CA GLY B 123 -3.08 7.42 13.26
C GLY B 123 -2.44 7.66 14.56
N PHE B 124 -1.42 6.89 14.96
CA PHE B 124 -0.80 6.98 16.24
C PHE B 124 0.02 8.28 16.14
N GLU B 125 -0.12 9.09 17.11
CA GLU B 125 0.56 10.34 17.15
C GLU B 125 1.85 10.36 17.95
N TRP B 126 2.60 11.46 17.77
CA TRP B 126 3.76 11.87 18.56
C TRP B 126 3.64 11.68 20.06
N GLN B 127 4.66 11.23 20.73
CA GLN B 127 4.72 11.08 22.17
C GLN B 127 6.03 11.62 22.70
N LYS B 128 5.97 12.39 23.82
CA LYS B 128 7.16 12.87 24.53
C LYS B 128 7.98 11.70 25.00
N ARG B 129 9.25 11.70 24.60
CA ARG B 129 10.23 10.73 25.04
C ARG B 129 11.57 11.44 25.43
N TRP B 130 12.14 10.97 26.53
CA TRP B 130 13.49 11.25 26.86
C TRP B 130 14.34 10.29 25.98
N CYS B 131 15.17 10.90 25.10
CA CYS B 131 16.01 10.06 24.27
C CYS B 131 17.45 10.31 24.54
N ALA B 132 18.18 9.20 24.48
CA ALA B 132 19.56 9.04 24.89
C ALA B 132 20.34 8.08 23.93
N LEU B 133 21.35 8.58 23.36
CA LEU B 133 22.31 7.85 22.64
C LEU B 133 23.50 7.39 23.55
N SER B 134 23.45 6.11 23.84
CA SER B 134 24.39 5.47 24.70
C SER B 134 25.28 4.65 23.82
N LYS B 135 26.46 5.19 23.59
CA LYS B 135 27.30 4.66 22.55
C LYS B 135 26.56 4.68 21.21
N THR B 136 26.41 3.54 20.54
CA THR B 136 25.73 3.38 19.29
C THR B 136 24.27 2.92 19.47
N VAL B 137 23.69 3.00 20.70
CA VAL B 137 22.37 2.56 20.92
C VAL B 137 21.55 3.69 21.28
N PHE B 138 20.44 3.80 20.60
CA PHE B 138 19.51 4.88 20.83
C PHE B 138 18.37 4.40 21.80
N TYR B 139 18.25 5.01 22.98
CA TYR B 139 17.27 4.56 23.97
C TYR B 139 16.16 5.65 24.10
N TYR B 140 14.93 5.21 24.42
CA TYR B 140 13.91 6.20 24.70
C TYR B 140 13.04 5.76 25.87
N TYR B 141 12.70 6.71 26.72
CA TYR B 141 12.07 6.44 28.01
C TYR B 141 10.93 7.39 28.04
N GLY B 142 9.91 7.06 28.86
CA GLY B 142 8.89 8.06 29.12
C GLY B 142 9.43 9.31 29.77
N SER B 143 10.32 9.21 30.79
CA SER B 143 11.07 10.44 31.44
C SER B 143 12.62 10.20 31.68
N ASP B 144 13.35 11.30 32.04
CA ASP B 144 14.82 11.18 32.48
C ASP B 144 15.08 10.34 33.73
N LYS B 145 14.07 10.16 34.57
CA LYS B 145 14.07 9.40 35.80
C LYS B 145 13.62 7.89 35.67
N ASP B 146 13.21 7.34 34.52
CA ASP B 146 12.65 6.00 34.58
C ASP B 146 13.67 4.95 34.88
N LYS B 147 13.15 3.78 35.24
CA LYS B 147 13.91 2.59 35.72
C LYS B 147 14.19 1.64 34.52
N GLN B 148 13.55 1.93 33.44
CA GLN B 148 13.48 0.96 32.38
C GLN B 148 13.01 1.79 31.13
N GLN B 149 13.62 1.39 29.99
CA GLN B 149 13.31 1.94 28.63
C GLN B 149 12.01 1.35 28.09
N LYS B 150 11.20 2.21 27.47
CA LYS B 150 10.12 1.82 26.57
C LYS B 150 10.63 1.00 25.34
N GLY B 151 11.87 1.25 24.95
CA GLY B 151 12.51 0.53 23.89
C GLY B 151 13.81 1.17 23.56
N GLU B 152 14.39 0.61 22.51
CA GLU B 152 15.70 1.03 22.01
C GLU B 152 16.14 0.29 20.75
N PHE B 153 17.09 0.87 20.05
CA PHE B 153 17.65 0.27 18.85
C PHE B 153 19.16 0.76 18.68
N ALA B 154 19.97 -0.13 18.25
CA ALA B 154 21.31 0.11 17.88
C ALA B 154 21.29 0.68 16.50
N ILE B 155 22.03 1.78 16.26
CA ILE B 155 21.95 2.57 15.01
C ILE B 155 22.91 2.17 13.92
N ASP B 156 23.69 1.17 14.17
CA ASP B 156 24.65 0.81 13.14
C ASP B 156 23.96 0.53 11.81
N GLY B 157 24.43 1.18 10.78
CA GLY B 157 23.89 1.06 9.47
C GLY B 157 22.62 1.82 9.21
N TYR B 158 22.28 2.77 10.06
CA TYR B 158 21.01 3.49 9.99
C TYR B 158 21.37 4.66 9.15
N ASP B 159 20.40 5.37 8.66
CA ASP B 159 20.58 6.78 8.17
C ASP B 159 19.76 7.81 8.94
N VAL B 160 20.08 9.08 8.75
CA VAL B 160 19.47 10.15 9.47
C VAL B 160 19.37 11.37 8.58
N ARG B 161 18.29 12.17 8.66
CA ARG B 161 18.13 13.31 7.87
C ARG B 161 17.14 14.29 8.40
N MET B 162 17.33 15.55 8.06
CA MET B 162 16.35 16.52 8.42
C MET B 162 15.19 16.34 7.49
N ASN B 163 13.95 16.59 7.93
CA ASN B 163 12.80 16.42 7.08
C ASN B 163 11.68 17.38 7.54
N ASN B 164 11.62 18.53 6.87
CA ASN B 164 10.74 19.65 7.26
C ASN B 164 9.40 19.44 6.61
N THR B 165 9.14 18.24 6.02
CA THR B 165 7.78 17.92 5.54
C THR B 165 6.94 17.06 6.46
N LEU B 166 7.03 17.07 7.77
CA LEU B 166 6.31 16.03 8.54
C LEU B 166 5.32 16.64 9.47
N ARG B 167 5.42 17.88 9.66
CA ARG B 167 4.40 18.58 10.41
C ARG B 167 3.72 19.83 9.69
N LYS B 168 2.37 19.85 9.78
CA LYS B 168 1.65 21.06 9.45
C LYS B 168 1.67 21.92 10.79
N ASP B 169 2.77 22.60 11.13
CA ASP B 169 2.81 23.15 12.49
C ASP B 169 3.68 24.29 12.36
N GLY B 170 3.88 25.03 13.46
CA GLY B 170 4.95 26.01 13.55
C GLY B 170 6.20 25.29 14.01
N LYS B 171 6.06 23.98 14.32
CA LYS B 171 7.16 23.04 14.61
C LYS B 171 7.72 22.35 13.37
N LYS B 172 7.49 22.82 12.13
CA LYS B 172 7.85 21.97 10.95
C LYS B 172 9.31 21.91 10.49
N ASP B 173 10.03 23.00 10.68
CA ASP B 173 11.49 23.15 10.37
C ASP B 173 12.46 22.38 11.41
N CYS B 174 11.81 21.81 12.45
CA CYS B 174 12.44 20.95 13.48
C CYS B 174 12.11 19.44 13.74
N CYS B 175 11.97 18.77 12.67
CA CYS B 175 11.92 17.35 12.64
C CYS B 175 13.13 16.68 11.90
N PHE B 176 13.32 15.40 12.20
CA PHE B 176 14.26 14.54 11.48
C PHE B 176 13.83 13.10 11.59
N GLU B 177 14.46 12.15 10.84
CA GLU B 177 14.17 10.82 10.87
C GLU B 177 15.45 10.03 11.00
N ILE B 178 15.33 8.85 11.62
CA ILE B 178 16.34 7.76 11.68
C ILE B 178 15.74 6.52 10.96
N CYS B 179 16.44 5.97 10.00
CA CYS B 179 15.93 5.02 9.12
C CYS B 179 16.69 3.70 9.31
N ALA B 180 16.02 2.68 9.72
CA ALA B 180 16.69 1.45 9.77
C ALA B 180 16.84 0.70 8.49
N PRO B 181 17.83 -0.13 8.38
CA PRO B 181 17.99 -1.05 7.25
C PRO B 181 16.76 -1.91 6.92
N ASP B 182 16.03 -2.48 7.89
CA ASP B 182 14.75 -3.18 7.75
C ASP B 182 13.57 -2.26 7.31
N LYS B 183 13.85 -0.94 7.10
CA LYS B 183 12.90 0.03 6.54
C LYS B 183 11.97 0.70 7.54
N ARG B 184 12.15 0.40 8.78
CA ARG B 184 11.51 1.15 9.85
C ARG B 184 12.02 2.51 10.00
N ILE B 185 11.12 3.47 10.20
CA ILE B 185 11.56 4.89 10.26
C ILE B 185 10.95 5.58 11.50
N TYR B 186 11.80 6.17 12.24
CA TYR B 186 11.56 6.83 13.54
C TYR B 186 11.65 8.30 13.27
N GLN B 187 10.59 8.93 13.52
CA GLN B 187 10.50 10.37 13.24
C GLN B 187 10.51 11.08 14.60
N PHE B 188 11.18 12.19 14.63
CA PHE B 188 11.29 12.98 15.83
C PHE B 188 10.98 14.43 15.51
N THR B 189 10.41 15.08 16.47
CA THR B 189 10.33 16.52 16.53
C THR B 189 11.21 17.04 17.69
N ALA B 190 12.04 18.01 17.43
CA ALA B 190 12.85 18.58 18.49
C ALA B 190 12.26 19.91 18.98
N ALA B 191 12.79 20.49 20.03
CA ALA B 191 12.33 21.71 20.68
C ALA B 191 12.74 22.95 19.92
N SER B 192 13.62 22.92 18.93
CA SER B 192 13.86 24.10 18.02
C SER B 192 14.61 23.56 16.85
N PRO B 193 14.69 24.33 15.78
CA PRO B 193 15.40 23.87 14.56
C PRO B 193 16.91 23.55 14.75
N LYS B 194 17.46 24.28 15.72
CA LYS B 194 18.83 24.18 16.03
C LYS B 194 18.98 22.81 16.66
N ASP B 195 18.04 22.43 17.55
CA ASP B 195 18.08 21.17 18.37
C ASP B 195 17.98 19.93 17.43
N ALA B 196 17.08 20.01 16.45
CA ALA B 196 17.01 19.02 15.47
C ALA B 196 18.36 18.79 14.74
N GLU B 197 18.91 19.86 14.17
CA GLU B 197 20.19 19.83 13.44
C GLU B 197 21.30 19.32 14.29
N GLU B 198 21.24 19.64 15.56
CA GLU B 198 22.19 19.08 16.52
C GLU B 198 22.10 17.59 16.69
N TRP B 199 20.90 17.05 16.81
CA TRP B 199 20.74 15.62 16.83
C TRP B 199 21.23 14.96 15.56
N VAL B 200 20.92 15.52 14.42
CA VAL B 200 21.41 15.01 13.09
C VAL B 200 22.88 15.05 12.93
N GLN B 201 23.48 16.21 13.23
CA GLN B 201 24.91 16.32 13.18
C GLN B 201 25.56 15.24 14.07
N GLN B 202 25.10 15.20 15.28
CA GLN B 202 25.54 14.26 16.26
C GLN B 202 25.29 12.83 15.80
N LEU B 203 24.12 12.54 15.21
CA LEU B 203 23.91 11.17 14.82
C LEU B 203 24.84 10.86 13.60
N LYS B 204 24.91 11.81 12.66
CA LYS B 204 25.62 11.58 11.44
C LYS B 204 27.04 11.30 11.75
N PHE B 205 27.58 12.05 12.73
CA PHE B 205 28.93 11.88 13.21
C PHE B 205 29.33 10.44 13.72
N ILE B 206 28.52 9.86 14.57
CA ILE B 206 28.65 8.50 14.99
C ILE B 206 28.41 7.58 13.91
N LEU B 207 27.41 7.78 13.06
CA LEU B 207 27.08 6.78 12.04
C LEU B 207 28.15 6.76 10.97
N GLN B 208 29.22 7.60 11.08
CA GLN B 208 30.21 7.75 10.03
C GLN B 208 31.55 7.72 10.48
N ASP B 209 31.92 8.47 11.48
CA ASP B 209 33.30 8.24 11.83
C ASP B 209 33.55 7.70 13.19
N LEU B 210 33.15 6.44 13.14
CA LEU B 210 33.43 5.31 13.93
C LEU B 210 33.89 4.32 12.86
N GLY B 211 33.00 4.10 11.87
CA GLY B 211 33.28 3.36 10.69
C GLY B 211 33.01 1.89 10.87
#